data_6QYO
#
_entry.id   6QYO
#
_cell.length_a   99.870
_cell.length_b   136.920
_cell.length_c   38.260
_cell.angle_alpha   90.000
_cell.angle_beta   90.000
_cell.angle_gamma   90.000
#
_symmetry.space_group_name_H-M   'P 21 21 2'
#
loop_
_entity.id
_entity.type
_entity.pdbx_description
1 polymer 'Maltose/maltodextrin-binding periplasmic protein,Induced myeloid leukemia cell differentiation protein Mcl-1'
2 branched alpha-D-glucopyranose-(1-4)-alpha-D-glucopyranose
3 non-polymer '(2~{R})-2-[5-[3-chloranyl-2-methyl-4-[2-(4-methylpiperazin-1-yl)ethoxy]phenyl]-6-ethyl-thieno[2,3-d]pyrimidin-4-yl]oxy-3-phenyl-propanoic acid'
4 water water
#
_entity_poly.entity_id   1
_entity_poly.type   'polypeptide(L)'
_entity_poly.pdbx_seq_one_letter_code
;MKIEEGKLVIWINGDKGYNGLAEVGKKFEKDTGIKVTVEHPDKLEEKFPQVAATGDGPDIIFWAHDRFGGYAQSGLLAEI
TPDKAFQDKLYPFTWDAVRYNGKLIAYPIAVEALSLIYNKDLLPNPPKTWEEIPALDKELKAKGKSALMFNLQEPYFTWP
LIAADGGYAFKYAAGKYDIKDVGVDNAGAKAGLTFLVDLIKNKHMNADTDYSIAEAAFNKGETAMTINGPWAWSNIDTSA
VNYGVTVLPTFKGQPSKPFVGVLSAGINAASPNKELAKEFLENYLLTDEGLEAVNKDKPLGAVALKSYEEELAKDPRIAA
TMENAQKGEIMPNIPQMSAFWYAVRTAVINAASGRQTVDEALKDAQTGSELYRQSLEIISRYLREQATGAADTAPMGASG
ATSRKALETLRRVGDGVQRNHETAFQGMLRKLDIKNEDDVKSLSRVMIHVFSDGVTNWGRIVTLISFGAFVAKHLKTINQ
ESCIEPLAESITDVLVRTKRDWLVKQRGWDGFVEFFHV
;
_entity_poly.pdbx_strand_id   A
#
# COMPACT_ATOMS: atom_id res chain seq x y z
N MET A 1 -24.93 5.37 16.07
CA MET A 1 -23.67 4.70 15.63
C MET A 1 -23.95 3.61 14.59
N LYS A 2 -23.23 3.63 13.47
CA LYS A 2 -23.57 2.80 12.31
C LYS A 2 -23.33 1.28 12.42
N ILE A 3 -22.26 0.82 13.09
CA ILE A 3 -21.95 -0.61 13.11
C ILE A 3 -22.79 -1.30 14.16
N GLU A 4 -23.39 -2.43 13.81
CA GLU A 4 -24.35 -3.11 14.68
C GLU A 4 -23.64 -3.88 15.77
N GLU A 5 -24.14 -3.75 16.99
CA GLU A 5 -23.65 -4.50 18.12
C GLU A 5 -24.24 -5.93 18.15
N GLY A 6 -23.52 -6.87 18.76
CA GLY A 6 -24.00 -8.25 18.94
C GLY A 6 -23.71 -9.24 17.82
N LYS A 7 -22.88 -8.84 16.87
CA LYS A 7 -22.43 -9.73 15.80
C LYS A 7 -21.08 -9.30 15.25
N LEU A 8 -20.51 -10.08 14.32
CA LEU A 8 -19.24 -9.72 13.64
C LEU A 8 -19.41 -9.76 12.18
N VAL A 9 -19.08 -8.65 11.54
CA VAL A 9 -18.89 -8.61 10.10
C VAL A 9 -17.38 -8.59 9.82
N ILE A 10 -16.93 -9.38 8.86
CA ILE A 10 -15.51 -9.51 8.53
C ILE A 10 -15.37 -9.33 7.07
N TRP A 11 -14.41 -8.51 6.63
CA TRP A 11 -14.00 -8.36 5.25
C TRP A 11 -12.64 -8.99 4.97
N ILE A 12 -12.55 -9.76 3.88
CA ILE A 12 -11.32 -10.43 3.47
C ILE A 12 -11.34 -10.49 1.96
N ASN A 13 -10.16 -10.47 1.35
CA ASN A 13 -10.08 -10.47 -0.06
C ASN A 13 -10.61 -11.79 -0.68
N GLY A 14 -11.09 -11.68 -1.92
CA GLY A 14 -11.76 -12.77 -2.64
C GLY A 14 -10.82 -13.85 -3.12
N ASP A 15 -9.51 -13.61 -3.12
CA ASP A 15 -8.53 -14.70 -3.40
C ASP A 15 -8.15 -15.54 -2.16
N LYS A 16 -8.58 -15.17 -0.97
CA LYS A 16 -8.28 -15.93 0.23
C LYS A 16 -9.39 -16.93 0.54
N GLY A 17 -9.14 -17.76 1.55
CA GLY A 17 -10.07 -18.82 1.92
C GLY A 17 -11.27 -18.33 2.75
N TYR A 18 -12.18 -17.53 2.16
CA TYR A 18 -13.27 -16.96 2.92
C TYR A 18 -14.34 -17.98 3.30
N ASN A 19 -14.44 -19.08 2.58
CA ASN A 19 -15.32 -20.20 3.05
C ASN A 19 -14.79 -20.89 4.23
N GLY A 20 -13.48 -21.06 4.28
CA GLY A 20 -12.86 -21.60 5.46
C GLY A 20 -13.02 -20.70 6.69
N LEU A 21 -12.83 -19.43 6.44
CA LEU A 21 -12.99 -18.43 7.49
C LEU A 21 -14.41 -18.44 8.02
N ALA A 22 -15.37 -18.59 7.11
CA ALA A 22 -16.77 -18.68 7.52
C ALA A 22 -17.02 -19.90 8.39
N GLU A 23 -16.28 -20.98 8.17
CA GLU A 23 -16.38 -22.16 9.02
C GLU A 23 -15.93 -21.88 10.40
N VAL A 24 -14.89 -21.05 10.55
CA VAL A 24 -14.45 -20.68 11.88
C VAL A 24 -15.53 -19.82 12.55
N GLY A 25 -16.18 -18.98 11.78
CA GLY A 25 -17.30 -18.19 12.27
C GLY A 25 -18.48 -19.03 12.76
N LYS A 26 -18.77 -20.12 12.08
CA LYS A 26 -19.83 -21.02 12.48
C LYS A 26 -19.56 -21.62 13.85
N LYS A 27 -18.31 -21.99 14.06
CA LYS A 27 -17.83 -22.51 15.30
C LYS A 27 -17.86 -21.49 16.41
N PHE A 28 -17.59 -20.24 16.07
CA PHE A 28 -17.70 -19.18 17.09
C PHE A 28 -19.17 -18.97 17.49
N GLU A 29 -20.04 -19.00 16.49
CA GLU A 29 -21.47 -18.80 16.68
C GLU A 29 -22.07 -19.92 17.49
N LYS A 30 -21.62 -21.13 17.22
CA LYS A 30 -22.06 -22.28 17.95
C LYS A 30 -21.83 -22.09 19.43
N ASP A 31 -20.62 -21.69 19.79
CA ASP A 31 -20.24 -21.52 21.19
C ASP A 31 -20.89 -20.33 21.85
N THR A 32 -21.09 -19.24 21.13
CA THR A 32 -21.43 -17.98 21.77
C THR A 32 -22.79 -17.45 21.41
N GLY A 33 -23.35 -17.87 20.29
CA GLY A 33 -24.63 -17.31 19.86
C GLY A 33 -24.47 -16.13 18.91
N ILE A 34 -23.22 -15.72 18.69
CA ILE A 34 -22.97 -14.53 17.93
C ILE A 34 -22.74 -14.94 16.53
N LYS A 35 -23.57 -14.42 15.63
CA LYS A 35 -23.47 -14.68 14.21
C LYS A 35 -22.25 -13.97 13.63
N VAL A 36 -21.52 -14.67 12.74
CA VAL A 36 -20.37 -14.14 12.07
C VAL A 36 -20.59 -14.13 10.62
N THR A 37 -20.48 -12.96 10.01
CA THR A 37 -20.72 -12.84 8.60
C THR A 37 -19.41 -12.50 7.92
N VAL A 38 -18.99 -13.31 6.95
CA VAL A 38 -17.81 -13.05 6.15
C VAL A 38 -18.19 -12.53 4.82
N GLU A 39 -17.62 -11.40 4.43
CA GLU A 39 -17.77 -10.84 3.12
C GLU A 39 -16.44 -10.63 2.42
N HIS A 40 -16.51 -10.55 1.09
CA HIS A 40 -15.35 -10.25 0.25
C HIS A 40 -15.59 -9.21 -0.84
N PRO A 41 -15.88 -7.95 -0.45
CA PRO A 41 -16.11 -6.86 -1.39
C PRO A 41 -14.97 -6.62 -2.36
N ASP A 42 -15.26 -6.21 -3.60
CA ASP A 42 -14.23 -5.75 -4.49
C ASP A 42 -13.59 -4.48 -3.90
N LYS A 43 -12.31 -4.26 -4.18
CA LYS A 43 -11.58 -3.10 -3.77
C LYS A 43 -11.70 -2.85 -2.30
N LEU A 44 -11.73 -3.88 -1.50
CA LEU A 44 -11.99 -3.65 -0.09
C LEU A 44 -10.96 -2.76 0.62
N GLU A 45 -9.72 -2.77 0.12
CA GLU A 45 -8.61 -2.03 0.72
C GLU A 45 -8.77 -0.52 0.51
N GLU A 46 -9.42 -0.13 -0.58
CA GLU A 46 -9.83 1.29 -0.83
C GLU A 46 -11.15 1.63 -0.17
N LYS A 47 -12.09 0.69 -0.07
CA LYS A 47 -13.38 0.93 0.59
C LYS A 47 -13.30 1.07 2.12
N PHE A 48 -12.47 0.29 2.77
CA PHE A 48 -12.38 0.34 4.23
C PHE A 48 -12.08 1.75 4.76
N PRO A 49 -11.02 2.44 4.24
CA PRO A 49 -10.73 3.73 4.83
C PRO A 49 -11.86 4.74 4.59
N GLN A 50 -12.53 4.65 3.45
CA GLN A 50 -13.70 5.50 3.14
C GLN A 50 -14.86 5.28 4.12
N VAL A 51 -15.35 4.05 4.23
CA VAL A 51 -16.43 3.73 5.19
C VAL A 51 -16.05 3.82 6.67
N ALA A 52 -14.83 3.44 7.04
CA ALA A 52 -14.46 3.42 8.43
C ALA A 52 -14.31 4.88 8.96
N ALA A 53 -13.96 5.81 8.08
CA ALA A 53 -13.80 7.22 8.46
C ALA A 53 -15.09 7.76 9.02
N THR A 54 -16.22 7.22 8.55
CA THR A 54 -17.48 7.77 8.93
C THR A 54 -18.03 6.96 10.05
N GLY A 55 -17.26 6.05 10.63
CA GLY A 55 -17.79 5.19 11.69
C GLY A 55 -18.51 3.92 11.26
N ASP A 56 -18.49 3.61 9.97
CA ASP A 56 -19.17 2.42 9.36
C ASP A 56 -18.10 1.33 9.01
N GLY A 57 -18.50 0.28 8.29
CA GLY A 57 -17.56 -0.75 7.80
C GLY A 57 -17.67 -2.04 8.60
N PRO A 58 -16.82 -3.04 8.28
CA PRO A 58 -16.76 -4.31 9.04
C PRO A 58 -16.17 -4.12 10.42
N ASP A 59 -16.48 -5.06 11.32
CA ASP A 59 -15.81 -5.15 12.56
C ASP A 59 -14.31 -5.53 12.39
N ILE A 60 -14.03 -6.43 11.44
CA ILE A 60 -12.66 -6.96 11.23
C ILE A 60 -12.37 -6.84 9.76
N ILE A 61 -11.21 -6.30 9.44
CA ILE A 61 -10.72 -6.27 8.08
C ILE A 61 -9.38 -7.07 7.95
N PHE A 62 -9.29 -7.88 6.91
CA PHE A 62 -8.12 -8.73 6.59
C PHE A 62 -7.47 -8.15 5.35
N TRP A 63 -6.18 -7.87 5.45
CA TRP A 63 -5.35 -7.44 4.34
C TRP A 63 -3.89 -7.69 4.72
N ALA A 64 -2.98 -7.65 3.74
CA ALA A 64 -1.59 -7.62 4.05
C ALA A 64 -1.30 -6.34 4.86
N HIS A 65 -0.25 -6.42 5.63
CA HIS A 65 0.05 -5.45 6.60
C HIS A 65 0.44 -4.09 6.06
N ASP A 66 0.87 -4.01 4.79
CA ASP A 66 1.25 -2.74 4.19
C ASP A 66 0.19 -1.66 4.26
N ARG A 67 -1.06 -2.02 4.22
CA ARG A 67 -2.09 -0.95 4.30
C ARG A 67 -2.48 -0.47 5.69
N PHE A 68 -2.04 -1.18 6.74
CA PHE A 68 -2.55 -0.94 8.07
C PHE A 68 -1.98 0.33 8.74
N GLY A 69 -0.76 0.74 8.43
CA GLY A 69 -0.19 2.00 9.04
C GLY A 69 -0.97 3.23 8.61
N GLY A 70 -1.35 3.30 7.32
CA GLY A 70 -2.28 4.30 6.85
C GLY A 70 -3.58 4.30 7.62
N TYR A 71 -4.21 3.13 7.76
CA TYR A 71 -5.42 3.02 8.56
C TYR A 71 -5.25 3.52 9.98
N ALA A 72 -4.16 3.09 10.63
CA ALA A 72 -3.88 3.42 12.02
C ALA A 72 -3.62 4.93 12.14
N GLN A 73 -2.90 5.52 11.18
CA GLN A 73 -2.62 6.96 11.18
C GLN A 73 -3.90 7.72 11.10
N SER A 74 -4.88 7.22 10.35
CA SER A 74 -6.16 7.88 10.27
C SER A 74 -7.09 7.59 11.42
N GLY A 75 -6.64 6.88 12.42
CA GLY A 75 -7.53 6.53 13.56
C GLY A 75 -8.58 5.49 13.32
N LEU A 76 -8.38 4.63 12.31
CA LEU A 76 -9.42 3.65 11.93
C LEU A 76 -9.29 2.33 12.62
N LEU A 77 -8.21 2.10 13.35
CA LEU A 77 -8.00 0.80 13.97
C LEU A 77 -7.87 0.84 15.48
N ALA A 78 -8.35 -0.20 16.12
CA ALA A 78 -8.22 -0.29 17.56
C ALA A 78 -6.85 -0.86 17.88
N GLU A 79 -6.24 -0.37 18.93
CA GLU A 79 -4.94 -0.88 19.35
C GLU A 79 -5.19 -2.27 19.89
N ILE A 80 -4.39 -3.25 19.54
CA ILE A 80 -4.66 -4.58 20.11
C ILE A 80 -3.61 -4.86 21.21
N THR A 81 -4.02 -5.53 22.24
CA THR A 81 -3.20 -5.68 23.46
C THR A 81 -3.27 -7.12 23.91
N PRO A 82 -2.81 -8.05 23.07
CA PRO A 82 -2.83 -9.45 23.51
C PRO A 82 -1.88 -9.61 24.69
N ASP A 83 -2.08 -10.60 25.54
CA ASP A 83 -1.15 -10.80 26.63
C ASP A 83 0.10 -11.53 26.16
N LYS A 84 1.10 -11.58 27.04
CA LYS A 84 2.39 -12.24 26.79
C LYS A 84 2.25 -13.65 26.34
N ALA A 85 1.39 -14.41 26.97
CA ALA A 85 1.25 -15.76 26.59
C ALA A 85 0.70 -15.92 25.17
N PHE A 86 -0.24 -15.08 24.74
CA PHE A 86 -0.71 -15.14 23.37
C PHE A 86 0.37 -14.57 22.42
N GLN A 87 1.02 -13.48 22.76
CA GLN A 87 2.08 -12.94 21.86
C GLN A 87 3.17 -13.97 21.52
N ASP A 88 3.54 -14.74 22.53
CA ASP A 88 4.56 -15.81 22.41
C ASP A 88 4.16 -16.99 21.53
N LYS A 89 2.89 -17.10 21.17
CA LYS A 89 2.49 -18.19 20.30
C LYS A 89 2.77 -17.84 18.83
N LEU A 90 3.04 -16.57 18.55
CA LEU A 90 3.31 -16.17 17.16
C LEU A 90 4.74 -15.69 17.00
N TYR A 91 5.27 -15.79 15.77
CA TYR A 91 6.65 -15.34 15.50
C TYR A 91 6.81 -13.86 15.71
N PRO A 92 7.87 -13.45 16.44
CA PRO A 92 8.12 -12.04 16.66
C PRO A 92 8.17 -11.19 15.40
N PHE A 93 8.76 -11.70 14.33
CA PHE A 93 8.84 -10.84 13.11
C PHE A 93 7.43 -10.60 12.49
N THR A 94 6.46 -11.48 12.73
CA THR A 94 5.09 -11.23 12.30
C THR A 94 4.44 -10.10 13.12
N TRP A 95 4.67 -10.08 14.43
CA TRP A 95 4.22 -8.94 15.22
C TRP A 95 4.86 -7.61 14.82
N ASP A 96 6.14 -7.61 14.48
CA ASP A 96 6.81 -6.39 13.98
C ASP A 96 6.10 -5.84 12.77
N ALA A 97 5.65 -6.72 11.87
CA ALA A 97 4.94 -6.21 10.66
C ALA A 97 3.68 -5.40 10.97
N VAL A 98 3.06 -5.66 12.15
CA VAL A 98 1.82 -5.02 12.52
C VAL A 98 2.00 -4.03 13.69
N ARG A 99 3.22 -3.54 13.82
CA ARG A 99 3.55 -2.51 14.79
C ARG A 99 3.66 -1.16 14.10
N TYR A 100 2.96 -0.17 14.60
CA TYR A 100 2.95 1.12 14.03
C TYR A 100 3.00 2.11 15.18
N ASN A 101 3.98 3.01 15.13
CA ASN A 101 4.19 4.02 16.18
C ASN A 101 4.25 3.41 17.56
N GLY A 102 4.97 2.30 17.67
CA GLY A 102 5.08 1.53 18.91
C GLY A 102 3.89 0.73 19.38
N LYS A 103 2.78 0.72 18.63
CA LYS A 103 1.58 -0.04 19.06
C LYS A 103 1.20 -1.12 18.07
N LEU A 104 0.70 -2.24 18.60
CA LEU A 104 0.22 -3.31 17.76
C LEU A 104 -1.13 -2.90 17.21
N ILE A 105 -1.26 -2.95 15.89
CA ILE A 105 -2.51 -2.49 15.25
C ILE A 105 -3.29 -3.56 14.49
N ALA A 106 -2.81 -4.79 14.54
CA ALA A 106 -3.50 -5.89 13.98
C ALA A 106 -2.93 -7.19 14.49
N TYR A 107 -3.66 -8.26 14.25
CA TYR A 107 -3.17 -9.60 14.51
C TYR A 107 -2.55 -10.21 13.22
N PRO A 108 -1.28 -10.65 13.28
CA PRO A 108 -0.68 -11.25 12.07
C PRO A 108 -1.26 -12.63 11.91
N ILE A 109 -1.54 -13.05 10.69
CA ILE A 109 -2.09 -14.39 10.41
C ILE A 109 -1.10 -15.28 9.64
N ALA A 110 -0.48 -14.77 8.57
CA ALA A 110 0.36 -15.59 7.70
C ALA A 110 1.30 -14.78 6.81
N VAL A 111 2.44 -15.38 6.47
CA VAL A 111 3.49 -14.74 5.68
C VAL A 111 3.39 -15.25 4.25
N GLU A 112 3.37 -14.33 3.28
CA GLU A 112 3.07 -14.65 1.89
C GLU A 112 4.18 -14.05 1.05
N ALA A 113 4.62 -14.82 0.09
CA ALA A 113 5.51 -14.28 -0.92
C ALA A 113 5.19 -14.95 -2.22
N LEU A 114 5.33 -14.19 -3.30
CA LEU A 114 5.31 -14.76 -4.63
C LEU A 114 6.39 -15.78 -4.90
N SER A 115 6.02 -16.80 -5.69
CA SER A 115 6.92 -17.80 -6.23
C SER A 115 6.68 -17.97 -7.74
N LEU A 116 7.65 -18.62 -8.36
CA LEU A 116 7.48 -19.16 -9.72
C LEU A 116 6.78 -20.54 -9.65
N ILE A 117 5.64 -20.61 -10.28
CA ILE A 117 4.80 -21.78 -10.39
C ILE A 117 5.00 -22.30 -11.79
N TYR A 118 5.38 -23.57 -11.93
CA TYR A 118 5.63 -24.13 -13.27
C TYR A 118 4.98 -25.50 -13.49
N ASN A 119 4.68 -25.80 -14.75
CA ASN A 119 4.03 -27.01 -15.16
C ASN A 119 5.15 -27.96 -15.49
N LYS A 120 5.30 -28.96 -14.63
CA LYS A 120 6.39 -29.97 -14.73
C LYS A 120 6.27 -30.87 -15.95
N ASP A 121 5.08 -31.07 -16.46
CA ASP A 121 4.94 -31.80 -17.72
C ASP A 121 5.44 -31.03 -18.97
N LEU A 122 5.37 -29.69 -18.96
CA LEU A 122 5.85 -28.85 -20.08
C LEU A 122 7.27 -28.40 -19.94
N LEU A 123 7.69 -28.22 -18.70
CA LEU A 123 9.00 -27.60 -18.38
C LEU A 123 9.57 -28.29 -17.16
N PRO A 124 10.14 -29.49 -17.38
CA PRO A 124 10.77 -30.26 -16.31
C PRO A 124 11.82 -29.48 -15.60
N ASN A 125 12.53 -28.56 -16.28
CA ASN A 125 13.48 -27.69 -15.59
C ASN A 125 13.16 -26.22 -15.80
N PRO A 126 12.63 -25.58 -14.78
CA PRO A 126 12.26 -24.16 -14.96
C PRO A 126 13.46 -23.24 -15.15
N PRO A 127 13.32 -22.13 -15.85
CA PRO A 127 14.48 -21.22 -16.04
C PRO A 127 14.96 -20.57 -14.72
N LYS A 128 16.28 -20.42 -14.63
CA LYS A 128 16.94 -19.80 -13.53
C LYS A 128 17.00 -18.29 -13.70
N THR A 129 16.90 -17.80 -14.93
CA THR A 129 17.07 -16.41 -15.24
C THR A 129 15.88 -15.92 -16.07
N TRP A 130 15.53 -14.66 -15.91
CA TRP A 130 14.53 -14.01 -16.80
C TRP A 130 15.07 -13.90 -18.20
N GLU A 131 16.38 -13.71 -18.32
CA GLU A 131 17.06 -13.56 -19.64
C GLU A 131 16.82 -14.74 -20.64
N GLU A 132 16.70 -15.96 -20.12
CA GLU A 132 16.39 -17.11 -20.95
C GLU A 132 14.88 -17.32 -21.30
N ILE A 133 13.99 -16.49 -20.80
CA ILE A 133 12.55 -16.67 -21.08
C ILE A 133 12.14 -16.37 -22.54
N PRO A 134 12.72 -15.33 -23.18
CA PRO A 134 12.36 -15.19 -24.58
C PRO A 134 12.71 -16.43 -25.40
N ALA A 135 13.84 -17.09 -25.17
CA ALA A 135 14.16 -18.26 -26.01
C ALA A 135 13.25 -19.40 -25.67
N LEU A 136 12.94 -19.55 -24.38
CA LEU A 136 12.05 -20.59 -23.95
C LEU A 136 10.65 -20.39 -24.52
N ASP A 137 10.18 -19.13 -24.57
CA ASP A 137 8.93 -18.86 -25.16
C ASP A 137 8.89 -19.27 -26.64
N LYS A 138 9.95 -19.00 -27.38
CA LYS A 138 10.00 -19.34 -28.81
C LYS A 138 9.90 -20.85 -29.01
N GLU A 139 10.62 -21.59 -28.18
CA GLU A 139 10.50 -23.05 -28.17
C GLU A 139 9.11 -23.51 -27.85
N LEU A 140 8.54 -23.00 -26.79
CA LEU A 140 7.18 -23.34 -26.44
C LEU A 140 6.13 -22.92 -27.49
N LYS A 141 6.32 -21.77 -28.16
CA LYS A 141 5.30 -21.34 -29.19
C LYS A 141 5.25 -22.30 -30.40
N ALA A 142 6.38 -22.89 -30.72
CA ALA A 142 6.47 -23.88 -31.81
C ALA A 142 5.74 -25.14 -31.45
N LYS A 143 5.45 -25.36 -30.17
CA LYS A 143 4.59 -26.48 -29.76
C LYS A 143 3.19 -26.07 -29.40
N GLY A 144 2.80 -24.86 -29.68
CA GLY A 144 1.45 -24.44 -29.23
C GLY A 144 1.30 -23.93 -27.81
N LYS A 145 2.39 -23.56 -27.19
CA LYS A 145 2.30 -23.14 -25.77
C LYS A 145 2.99 -21.79 -25.62
N SER A 146 2.91 -21.22 -24.43
CA SER A 146 3.67 -20.02 -24.11
C SER A 146 4.50 -20.29 -22.86
N ALA A 147 5.53 -19.50 -22.66
CA ALA A 147 6.37 -19.71 -21.47
C ALA A 147 5.75 -19.19 -20.15
N LEU A 148 5.24 -17.96 -20.13
CA LEU A 148 4.89 -17.31 -18.86
C LEU A 148 3.71 -16.34 -19.00
N MET A 149 2.79 -16.41 -18.03
CA MET A 149 1.70 -15.46 -17.93
C MET A 149 1.45 -15.27 -16.50
N PHE A 150 1.34 -14.00 -16.14
CA PHE A 150 1.04 -13.53 -14.84
C PHE A 150 0.35 -12.17 -14.88
N ASN A 151 -0.25 -11.81 -13.77
CA ASN A 151 -1.04 -10.59 -13.71
C ASN A 151 -0.21 -9.35 -13.96
N LEU A 152 -0.46 -8.64 -15.06
CA LEU A 152 0.30 -7.41 -15.32
C LEU A 152 -0.47 -6.19 -14.87
N GLN A 153 -1.65 -6.38 -14.27
CA GLN A 153 -2.46 -5.27 -13.82
C GLN A 153 -2.15 -4.79 -12.41
N GLU A 154 -1.42 -5.60 -11.65
CA GLU A 154 -1.20 -5.27 -10.29
C GLU A 154 0.28 -5.31 -10.09
N PRO A 155 0.86 -4.20 -9.59
CA PRO A 155 2.31 -4.09 -9.53
C PRO A 155 2.98 -5.03 -8.53
N TYR A 156 2.21 -5.56 -7.58
CA TYR A 156 2.75 -6.56 -6.68
C TYR A 156 3.46 -7.67 -7.47
N PHE A 157 2.93 -8.04 -8.62
CA PHE A 157 3.49 -9.19 -9.43
C PHE A 157 4.69 -8.81 -10.28
N THR A 158 4.82 -7.54 -10.64
CA THR A 158 5.94 -7.07 -11.49
CA THR A 158 5.94 -7.07 -11.48
C THR A 158 7.11 -6.59 -10.62
N TRP A 159 6.79 -6.27 -9.38
CA TRP A 159 7.75 -5.72 -8.46
C TRP A 159 9.01 -6.57 -8.26
N PRO A 160 8.87 -7.90 -8.08
CA PRO A 160 10.06 -8.74 -7.92
C PRO A 160 11.14 -8.49 -9.02
N LEU A 161 10.70 -8.28 -10.23
CA LEU A 161 11.62 -7.99 -11.32
C LEU A 161 12.18 -6.54 -11.27
N ILE A 162 11.30 -5.58 -11.01
CA ILE A 162 11.67 -4.18 -10.87
C ILE A 162 12.72 -3.99 -9.77
N ALA A 163 12.56 -4.69 -8.68
CA ALA A 163 13.45 -4.57 -7.53
C ALA A 163 14.77 -5.33 -7.66
N ALA A 164 14.81 -6.32 -8.56
CA ALA A 164 15.97 -7.20 -8.68
C ALA A 164 17.33 -6.46 -8.86
N ASP A 165 17.42 -5.62 -9.87
CA ASP A 165 18.64 -4.90 -10.14
C ASP A 165 18.76 -3.54 -9.39
N GLY A 166 17.96 -3.27 -8.38
CA GLY A 166 18.17 -2.01 -7.65
C GLY A 166 16.97 -1.16 -7.33
N GLY A 167 15.82 -1.38 -7.96
CA GLY A 167 14.61 -0.65 -7.57
C GLY A 167 14.24 -0.95 -6.12
N TYR A 168 13.66 0.05 -5.48
CA TYR A 168 13.25 -0.08 -4.08
C TYR A 168 12.20 0.97 -3.84
N ALA A 169 11.37 0.74 -2.83
CA ALA A 169 10.29 1.68 -2.54
C ALA A 169 10.84 2.79 -1.63
N PHE A 170 11.16 2.44 -0.40
CA PHE A 170 11.70 3.36 0.60
C PHE A 170 12.94 2.73 1.20
N LYS A 171 14.06 3.47 1.20
CA LYS A 171 15.33 2.90 1.68
C LYS A 171 15.36 2.41 3.12
N TYR A 172 15.84 1.18 3.29
CA TYR A 172 16.08 0.53 4.59
C TYR A 172 14.94 0.75 5.59
N LYS A 176 15.17 1.93 10.23
CA LYS A 176 13.96 2.65 9.88
C LYS A 176 13.89 2.97 8.36
N TYR A 177 12.67 3.06 7.84
CA TYR A 177 12.43 3.37 6.44
C TYR A 177 12.61 4.82 6.19
N ASP A 178 13.46 5.16 5.23
CA ASP A 178 13.72 6.52 4.90
C ASP A 178 12.76 6.97 3.82
N ILE A 179 11.71 7.67 4.22
CA ILE A 179 10.71 8.23 3.32
C ILE A 179 11.22 9.29 2.32
N LYS A 180 12.36 9.92 2.62
CA LYS A 180 13.04 10.79 1.68
C LYS A 180 13.75 10.04 0.53
N ASP A 181 14.05 8.76 0.69
CA ASP A 181 14.85 8.03 -0.31
C ASP A 181 13.98 7.01 -1.05
N VAL A 182 13.54 7.38 -2.25
CA VAL A 182 12.65 6.53 -3.03
C VAL A 182 13.37 6.02 -4.26
N GLY A 183 13.34 4.70 -4.48
CA GLY A 183 14.08 4.11 -5.61
C GLY A 183 13.20 3.64 -6.78
N VAL A 184 12.15 4.39 -7.11
CA VAL A 184 11.26 3.96 -8.14
C VAL A 184 11.76 4.29 -9.52
N ASP A 185 12.46 5.41 -9.69
CA ASP A 185 13.00 5.64 -11.04
C ASP A 185 14.55 5.56 -11.17
N ASN A 186 15.18 4.73 -10.37
CA ASN A 186 16.65 4.56 -10.46
C ASN A 186 16.97 3.58 -11.64
N ALA A 187 18.25 3.28 -11.83
CA ALA A 187 18.65 2.54 -13.00
C ALA A 187 18.21 1.05 -12.88
N GLY A 188 18.18 0.50 -11.67
CA GLY A 188 17.78 -0.86 -11.48
C GLY A 188 16.33 -0.97 -11.88
N ALA A 189 15.49 -0.05 -11.38
CA ALA A 189 14.07 -0.04 -11.62
C ALA A 189 13.85 0.00 -13.10
N LYS A 190 14.50 0.93 -13.77
CA LYS A 190 14.29 1.09 -15.22
C LYS A 190 14.64 -0.17 -16.03
N ALA A 191 15.74 -0.82 -15.68
CA ALA A 191 16.23 -2.01 -16.37
C ALA A 191 15.21 -3.14 -16.31
N GLY A 192 14.67 -3.36 -15.12
CA GLY A 192 13.61 -4.38 -14.87
C GLY A 192 12.33 -4.06 -15.63
N LEU A 193 11.84 -2.83 -15.50
CA LEU A 193 10.66 -2.46 -16.24
C LEU A 193 10.87 -2.52 -17.76
N THR A 194 12.05 -2.17 -18.22
CA THR A 194 12.36 -2.27 -19.63
C THR A 194 12.36 -3.71 -20.12
N PHE A 195 12.95 -4.60 -19.35
CA PHE A 195 12.95 -6.00 -19.69
C PHE A 195 11.51 -6.50 -19.83
N LEU A 196 10.64 -6.05 -18.94
CA LEU A 196 9.25 -6.43 -18.98
C LEU A 196 8.54 -5.92 -20.23
N VAL A 197 8.73 -4.65 -20.54
CA VAL A 197 8.14 -4.06 -21.74
C VAL A 197 8.68 -4.72 -23.03
N ASP A 198 9.96 -5.09 -23.06
CA ASP A 198 10.54 -5.82 -24.20
C ASP A 198 9.87 -7.22 -24.41
N LEU A 199 9.50 -7.88 -23.31
CA LEU A 199 8.79 -9.15 -23.36
C LEU A 199 7.47 -8.93 -24.06
N ILE A 200 6.79 -7.83 -23.74
CA ILE A 200 5.56 -7.44 -24.39
C ILE A 200 5.74 -7.07 -25.87
N LYS A 201 6.74 -6.25 -26.13
CA LYS A 201 7.00 -5.76 -27.47
C LYS A 201 7.32 -6.94 -28.41
N ASN A 202 8.03 -7.95 -27.90
CA ASN A 202 8.41 -9.16 -28.64
C ASN A 202 7.32 -10.24 -28.59
N LYS A 203 6.12 -9.95 -28.07
CA LYS A 203 5.01 -10.87 -28.08
C LYS A 203 5.16 -12.10 -27.17
N HIS A 204 6.11 -12.04 -26.24
CA HIS A 204 6.22 -13.09 -25.26
C HIS A 204 5.19 -12.92 -24.09
N MET A 205 4.70 -11.71 -23.87
CA MET A 205 3.54 -11.49 -23.02
C MET A 205 2.59 -10.47 -23.65
N ASN A 206 1.42 -10.36 -23.06
CA ASN A 206 0.37 -9.50 -23.52
C ASN A 206 0.09 -8.51 -22.40
N ALA A 207 0.15 -7.21 -22.73
CA ALA A 207 -0.13 -6.15 -21.73
C ALA A 207 -1.47 -6.26 -21.00
N ASP A 208 -2.49 -6.85 -21.61
CA ASP A 208 -3.82 -6.99 -21.03
C ASP A 208 -4.05 -8.16 -20.09
N THR A 209 -3.05 -9.04 -19.98
CA THR A 209 -3.15 -10.15 -19.05
C THR A 209 -3.37 -9.68 -17.64
N ASP A 210 -4.37 -10.25 -17.03
CA ASP A 210 -4.70 -10.01 -15.63
C ASP A 210 -4.71 -11.32 -14.81
N TYR A 211 -5.20 -11.23 -13.57
CA TYR A 211 -5.21 -12.34 -12.69
C TYR A 211 -5.98 -13.50 -13.28
N SER A 212 -7.21 -13.26 -13.73
CA SER A 212 -8.05 -14.33 -14.26
C SER A 212 -7.51 -14.96 -15.50
N ILE A 213 -7.08 -14.14 -16.46
CA ILE A 213 -6.56 -14.69 -17.70
C ILE A 213 -5.33 -15.58 -17.40
N ALA A 214 -4.39 -15.08 -16.56
CA ALA A 214 -3.16 -15.86 -16.26
C ALA A 214 -3.51 -17.16 -15.58
N GLU A 215 -4.41 -17.09 -14.61
CA GLU A 215 -4.79 -18.28 -13.84
C GLU A 215 -5.41 -19.33 -14.77
N ALA A 216 -6.32 -18.91 -15.67
CA ALA A 216 -7.00 -19.84 -16.58
C ALA A 216 -6.01 -20.48 -17.56
N ALA A 217 -5.10 -19.68 -18.09
CA ALA A 217 -4.11 -20.19 -19.01
C ALA A 217 -3.20 -21.25 -18.33
N PHE A 218 -2.78 -20.98 -17.10
CA PHE A 218 -1.92 -21.95 -16.39
C PHE A 218 -2.66 -23.22 -16.04
N ASN A 219 -3.82 -23.03 -15.45
CA ASN A 219 -4.64 -24.12 -15.01
C ASN A 219 -5.19 -25.03 -16.13
N LYS A 220 -5.20 -24.56 -17.36
CA LYS A 220 -5.55 -25.36 -18.52
C LYS A 220 -4.34 -25.87 -19.29
N GLY A 221 -3.12 -25.58 -18.86
CA GLY A 221 -1.98 -26.15 -19.51
C GLY A 221 -1.55 -25.45 -20.73
N GLU A 222 -1.97 -24.21 -20.92
CA GLU A 222 -1.58 -23.47 -22.13
C GLU A 222 -0.30 -22.66 -21.96
N THR A 223 0.09 -22.34 -20.73
CA THR A 223 1.34 -21.65 -20.46
C THR A 223 2.11 -22.50 -19.46
N ALA A 224 3.40 -22.47 -19.61
CA ALA A 224 4.28 -23.26 -18.76
C ALA A 224 4.56 -22.72 -17.37
N MET A 225 4.47 -21.41 -17.15
CA MET A 225 4.72 -20.80 -15.86
C MET A 225 3.75 -19.65 -15.54
N THR A 226 3.64 -19.37 -14.25
CA THR A 226 2.98 -18.18 -13.78
C THR A 226 3.71 -17.70 -12.55
N ILE A 227 3.33 -16.53 -12.04
CA ILE A 227 3.89 -16.00 -10.79
C ILE A 227 2.67 -15.75 -9.90
N ASN A 228 2.64 -16.40 -8.78
CA ASN A 228 1.50 -16.27 -7.90
C ASN A 228 1.88 -16.70 -6.51
N GLY A 229 0.94 -16.51 -5.62
CA GLY A 229 1.10 -16.74 -4.22
C GLY A 229 0.44 -18.01 -3.76
N PRO A 230 0.64 -18.39 -2.48
CA PRO A 230 0.10 -19.65 -1.93
C PRO A 230 -1.39 -19.82 -2.08
N TRP A 231 -2.11 -18.71 -2.04
CA TRP A 231 -3.58 -18.73 -2.23
C TRP A 231 -3.98 -19.44 -3.50
N ALA A 232 -3.13 -19.38 -4.51
CA ALA A 232 -3.49 -19.89 -5.82
C ALA A 232 -3.44 -21.43 -5.90
N TRP A 233 -2.80 -22.11 -4.96
CA TRP A 233 -2.45 -23.52 -5.19
C TRP A 233 -3.67 -24.39 -5.22
N SER A 234 -4.74 -24.00 -4.54
CA SER A 234 -5.98 -24.79 -4.52
C SER A 234 -6.54 -24.96 -5.89
N ASN A 235 -6.70 -23.87 -6.63
CA ASN A 235 -7.30 -23.98 -7.97
C ASN A 235 -6.37 -24.76 -8.91
N ILE A 236 -5.07 -24.70 -8.65
CA ILE A 236 -4.17 -25.49 -9.47
C ILE A 236 -4.37 -27.01 -9.19
N ASP A 237 -4.48 -27.37 -7.93
CA ASP A 237 -4.85 -28.77 -7.55
C ASP A 237 -6.09 -29.27 -8.21
N THR A 238 -7.13 -28.43 -8.26
CA THR A 238 -8.35 -28.77 -8.92
C THR A 238 -8.18 -29.10 -10.39
N SER A 239 -7.30 -28.37 -11.07
CA SER A 239 -7.03 -28.54 -12.47
C SER A 239 -6.19 -29.77 -12.85
N ALA A 240 -5.59 -30.46 -11.88
CA ALA A 240 -4.77 -31.63 -12.23
C ALA A 240 -3.49 -31.25 -13.02
N VAL A 241 -3.09 -29.99 -13.06
CA VAL A 241 -1.80 -29.67 -13.62
C VAL A 241 -0.75 -30.24 -12.65
N ASN A 242 0.28 -30.82 -13.21
CA ASN A 242 1.40 -31.29 -12.43
C ASN A 242 2.35 -30.09 -12.20
N TYR A 243 2.27 -29.42 -11.07
CA TYR A 243 3.01 -28.16 -10.95
C TYR A 243 4.09 -28.26 -9.92
N GLY A 244 5.10 -27.44 -10.08
CA GLY A 244 5.97 -27.15 -8.99
C GLY A 244 6.01 -25.71 -8.58
N VAL A 245 6.50 -25.48 -7.36
CA VAL A 245 6.69 -24.13 -6.87
C VAL A 245 8.15 -23.91 -6.61
N THR A 246 8.76 -22.85 -7.14
CA THR A 246 10.20 -22.68 -7.01
C THR A 246 10.58 -21.23 -6.90
N VAL A 247 11.88 -21.03 -6.91
CA VAL A 247 12.49 -19.72 -6.74
C VAL A 247 12.26 -18.96 -8.00
N LEU A 248 11.93 -17.67 -7.84
CA LEU A 248 11.77 -16.75 -8.94
C LEU A 248 13.08 -16.63 -9.76
N PRO A 249 12.97 -16.31 -11.06
CA PRO A 249 14.22 -16.23 -11.82
C PRO A 249 15.04 -14.98 -11.47
N THR A 250 16.36 -15.05 -11.62
CA THR A 250 17.22 -13.89 -11.45
C THR A 250 17.14 -12.97 -12.66
N PHE A 251 17.51 -11.71 -12.45
CA PHE A 251 17.64 -10.74 -13.47
C PHE A 251 19.01 -10.11 -13.25
N LYS A 252 19.78 -9.95 -14.33
CA LYS A 252 21.18 -9.46 -14.32
C LYS A 252 22.00 -10.09 -13.25
N GLY A 253 21.82 -11.38 -13.06
CA GLY A 253 22.51 -12.10 -12.03
C GLY A 253 21.99 -11.95 -10.63
N GLN A 254 20.96 -11.14 -10.39
CA GLN A 254 20.54 -10.94 -9.01
C GLN A 254 19.11 -11.45 -8.76
N PRO A 255 18.79 -11.88 -7.53
CA PRO A 255 17.50 -12.50 -7.29
C PRO A 255 16.34 -11.56 -7.48
N SER A 256 15.23 -12.12 -7.90
CA SER A 256 13.98 -11.35 -7.88
C SER A 256 13.62 -11.15 -6.42
N LYS A 257 13.18 -9.94 -6.12
CA LYS A 257 12.90 -9.58 -4.73
C LYS A 257 11.44 -9.26 -4.51
N PRO A 258 10.66 -10.26 -4.21
CA PRO A 258 9.23 -10.05 -3.93
C PRO A 258 9.01 -9.26 -2.67
N PHE A 259 7.98 -8.42 -2.66
CA PHE A 259 7.60 -7.73 -1.46
C PHE A 259 6.83 -8.71 -0.64
N VAL A 260 7.28 -8.97 0.59
CA VAL A 260 6.63 -9.95 1.45
C VAL A 260 5.47 -9.29 2.21
N GLY A 261 4.33 -9.97 2.26
CA GLY A 261 3.20 -9.45 3.02
C GLY A 261 2.81 -10.35 4.17
N VAL A 262 2.34 -9.78 5.26
CA VAL A 262 1.80 -10.55 6.38
C VAL A 262 0.33 -10.28 6.37
N LEU A 263 -0.42 -11.28 5.96
CA LEU A 263 -1.87 -11.18 6.01
C LEU A 263 -2.20 -10.97 7.49
N SER A 264 -2.98 -9.94 7.77
CA SER A 264 -3.26 -9.46 9.11
C SER A 264 -4.70 -9.07 9.29
N ALA A 265 -5.19 -9.12 10.54
CA ALA A 265 -6.57 -8.84 10.86
C ALA A 265 -6.65 -7.69 11.82
N GLY A 266 -7.26 -6.60 11.37
CA GLY A 266 -7.39 -5.37 12.19
C GLY A 266 -8.84 -5.18 12.67
N ILE A 267 -9.01 -4.55 13.80
CA ILE A 267 -10.32 -4.27 14.37
C ILE A 267 -10.66 -2.79 14.19
N ASN A 268 -11.79 -2.53 13.56
CA ASN A 268 -12.31 -1.19 13.34
C ASN A 268 -12.42 -0.41 14.64
N ALA A 269 -11.88 0.78 14.66
CA ALA A 269 -11.99 1.62 15.86
C ALA A 269 -13.45 1.97 16.24
N ALA A 270 -14.34 2.05 15.25
CA ALA A 270 -15.75 2.29 15.49
C ALA A 270 -16.59 1.09 15.93
N SER A 271 -16.01 -0.09 15.95
CA SER A 271 -16.76 -1.30 16.28
C SER A 271 -17.20 -1.26 17.74
N PRO A 272 -18.47 -1.51 17.98
CA PRO A 272 -18.98 -1.77 19.33
C PRO A 272 -18.82 -3.25 19.73
N ASN A 273 -18.07 -4.05 18.94
CA ASN A 273 -17.85 -5.45 19.26
C ASN A 273 -16.38 -5.85 19.40
N LYS A 274 -15.55 -4.97 19.95
CA LYS A 274 -14.11 -5.21 20.05
C LYS A 274 -13.78 -6.44 20.89
N GLU A 275 -14.50 -6.65 22.01
CA GLU A 275 -14.21 -7.83 22.83
C GLU A 275 -14.54 -9.12 22.11
N LEU A 276 -15.59 -9.11 21.30
CA LEU A 276 -15.94 -10.26 20.49
C LEU A 276 -14.89 -10.56 19.37
N ALA A 277 -14.45 -9.51 18.70
CA ALA A 277 -13.47 -9.59 17.63
C ALA A 277 -12.13 -10.15 18.16
N LYS A 278 -11.71 -9.70 19.33
CA LYS A 278 -10.47 -10.19 19.97
C LYS A 278 -10.63 -11.65 20.38
N GLU A 279 -11.80 -12.01 20.86
CA GLU A 279 -12.03 -13.40 21.30
C GLU A 279 -12.05 -14.32 20.11
N PHE A 280 -12.75 -13.93 19.04
CA PHE A 280 -12.71 -14.68 17.78
C PHE A 280 -11.32 -14.87 17.20
N LEU A 281 -10.60 -13.76 17.08
CA LEU A 281 -9.30 -13.82 16.43
C LEU A 281 -8.28 -14.59 17.26
N GLU A 282 -8.26 -14.34 18.58
CA GLU A 282 -7.27 -15.01 19.43
C GLU A 282 -7.59 -16.44 19.78
N ASN A 283 -8.86 -16.79 20.00
CA ASN A 283 -9.23 -18.13 20.54
C ASN A 283 -9.93 -19.02 19.59
N TYR A 284 -10.33 -18.50 18.45
CA TYR A 284 -10.86 -19.36 17.40
C TYR A 284 -10.00 -19.34 16.12
N LEU A 285 -9.70 -18.17 15.54
CA LEU A 285 -8.91 -18.19 14.29
C LEU A 285 -7.45 -18.61 14.50
N LEU A 286 -6.77 -17.90 15.38
CA LEU A 286 -5.33 -18.11 15.57
C LEU A 286 -5.02 -19.31 16.49
N THR A 287 -5.48 -20.47 16.05
CA THR A 287 -5.36 -21.74 16.71
C THR A 287 -5.06 -22.73 15.57
N ASP A 288 -4.48 -23.84 15.91
CA ASP A 288 -4.21 -24.92 14.91
C ASP A 288 -5.41 -25.26 14.03
N GLU A 289 -6.57 -25.46 14.67
CA GLU A 289 -7.79 -25.81 13.96
C GLU A 289 -8.34 -24.66 13.18
N GLY A 290 -8.21 -23.43 13.70
CA GLY A 290 -8.79 -22.32 13.03
C GLY A 290 -8.03 -22.11 11.74
N LEU A 291 -6.70 -22.12 11.81
CA LEU A 291 -5.87 -21.83 10.61
C LEU A 291 -5.97 -23.00 9.62
N GLU A 292 -6.05 -24.23 10.11
CA GLU A 292 -6.27 -25.38 9.20
C GLU A 292 -7.52 -25.19 8.38
N ALA A 293 -8.62 -24.78 9.03
CA ALA A 293 -9.90 -24.62 8.28
C ALA A 293 -9.75 -23.60 7.13
N VAL A 294 -9.06 -22.48 7.40
CA VAL A 294 -8.82 -21.47 6.35
C VAL A 294 -7.88 -22.01 5.25
N ASN A 295 -6.75 -22.58 5.70
CA ASN A 295 -5.69 -23.10 4.88
C ASN A 295 -6.13 -24.20 3.89
N LYS A 296 -7.04 -25.04 4.34
CA LYS A 296 -7.66 -26.09 3.53
C LYS A 296 -8.54 -25.51 2.46
N ASP A 297 -9.08 -24.33 2.65
CA ASP A 297 -9.85 -23.71 1.60
C ASP A 297 -8.90 -23.05 0.59
N LYS A 298 -8.10 -22.08 1.02
CA LYS A 298 -6.99 -21.56 0.17
C LYS A 298 -5.75 -21.46 1.01
N PRO A 299 -4.61 -21.97 0.52
CA PRO A 299 -3.44 -21.90 1.40
C PRO A 299 -2.99 -20.54 1.82
N LEU A 300 -2.65 -20.41 3.10
CA LEU A 300 -2.26 -19.17 3.68
C LEU A 300 -0.76 -18.86 3.45
N GLY A 301 0.08 -19.87 3.22
CA GLY A 301 1.57 -19.66 3.25
C GLY A 301 2.14 -20.12 4.56
N ALA A 302 3.15 -19.40 5.06
CA ALA A 302 3.73 -19.67 6.35
C ALA A 302 3.00 -18.94 7.43
N VAL A 303 2.17 -19.67 8.15
CA VAL A 303 1.39 -19.08 9.21
C VAL A 303 2.21 -18.49 10.39
N ALA A 304 1.63 -17.46 11.00
CA ALA A 304 2.24 -16.79 12.09
C ALA A 304 2.29 -17.63 13.35
N LEU A 305 1.42 -18.61 13.47
CA LEU A 305 1.21 -19.40 14.64
C LEU A 305 2.28 -20.50 14.62
N LYS A 306 3.23 -20.39 15.53
CA LYS A 306 4.42 -21.28 15.53
C LYS A 306 4.08 -22.74 15.52
N SER A 307 3.08 -23.13 16.31
CA SER A 307 2.68 -24.56 16.41
C SER A 307 2.26 -25.12 15.10
N TYR A 308 1.45 -24.36 14.36
CA TYR A 308 0.89 -24.85 13.05
C TYR A 308 1.92 -24.66 11.93
N GLU A 309 2.71 -23.62 12.04
CA GLU A 309 3.77 -23.41 11.05
C GLU A 309 4.74 -24.60 10.98
N GLU A 310 5.04 -25.16 12.15
CA GLU A 310 5.91 -26.31 12.21
C GLU A 310 5.34 -27.50 11.47
N GLU A 311 4.04 -27.65 11.45
CA GLU A 311 3.44 -28.72 10.69
C GLU A 311 3.51 -28.44 9.18
N LEU A 312 3.31 -27.20 8.79
CA LEU A 312 3.28 -26.85 7.37
C LEU A 312 4.65 -26.70 6.75
N ALA A 313 5.67 -26.54 7.59
CA ALA A 313 7.00 -26.23 7.15
C ALA A 313 7.67 -27.33 6.31
N LYS A 314 7.17 -28.55 6.42
CA LYS A 314 7.68 -29.68 5.69
C LYS A 314 7.29 -29.66 4.22
N ASP A 315 6.23 -28.92 3.90
CA ASP A 315 5.68 -28.85 2.54
C ASP A 315 6.62 -28.09 1.61
N PRO A 316 7.10 -28.72 0.57
CA PRO A 316 8.07 -28.09 -0.31
C PRO A 316 7.59 -26.80 -0.95
N ARG A 317 6.31 -26.68 -1.25
CA ARG A 317 5.75 -25.39 -1.74
C ARG A 317 5.93 -24.27 -0.73
N ILE A 318 5.73 -24.57 0.54
CA ILE A 318 6.01 -23.61 1.57
C ILE A 318 7.49 -23.30 1.72
N ALA A 319 8.35 -24.32 1.59
CA ALA A 319 9.79 -24.09 1.61
C ALA A 319 10.20 -23.14 0.50
N ALA A 320 9.68 -23.34 -0.69
CA ALA A 320 9.95 -22.39 -1.79
C ALA A 320 9.41 -20.97 -1.50
N THR A 321 8.25 -20.88 -0.88
CA THR A 321 7.70 -19.61 -0.51
C THR A 321 8.68 -18.87 0.41
N MET A 322 9.15 -19.57 1.45
CA MET A 322 10.15 -18.97 2.40
C MET A 322 11.46 -18.59 1.75
N GLU A 323 11.92 -19.37 0.79
CA GLU A 323 13.13 -18.99 0.07
C GLU A 323 12.91 -17.71 -0.73
N ASN A 324 11.74 -17.55 -1.38
CA ASN A 324 11.52 -16.32 -2.11
C ASN A 324 11.41 -15.21 -1.09
N ALA A 325 10.75 -15.47 0.01
CA ALA A 325 10.55 -14.45 1.03
C ALA A 325 11.90 -13.92 1.54
N GLN A 326 12.85 -14.84 1.78
CA GLN A 326 14.22 -14.44 2.27
C GLN A 326 14.97 -13.59 1.30
N LYS A 327 14.79 -13.85 0.01
CA LYS A 327 15.38 -12.98 -1.00
C LYS A 327 14.66 -11.68 -1.18
N GLY A 328 13.46 -11.55 -0.60
CA GLY A 328 12.64 -10.35 -0.81
C GLY A 328 12.81 -9.41 0.36
N GLU A 329 11.86 -8.53 0.57
CA GLU A 329 11.89 -7.57 1.66
C GLU A 329 10.47 -7.51 2.22
N ILE A 330 10.33 -7.45 3.54
CA ILE A 330 9.06 -7.20 4.17
C ILE A 330 8.55 -5.84 3.72
N MET A 331 7.28 -5.75 3.38
CA MET A 331 6.75 -4.51 2.95
C MET A 331 6.78 -3.49 4.08
N PRO A 332 7.08 -2.22 3.80
CA PRO A 332 6.83 -1.23 4.83
C PRO A 332 5.32 -1.05 5.10
N ASN A 333 4.97 -0.55 6.28
CA ASN A 333 3.54 -0.26 6.64
C ASN A 333 3.26 1.18 6.82
N ILE A 334 4.20 2.02 6.42
CA ILE A 334 3.99 3.43 6.53
C ILE A 334 2.84 3.95 5.64
N PRO A 335 2.24 5.07 6.02
CA PRO A 335 1.05 5.62 5.37
C PRO A 335 1.17 5.99 3.93
N GLN A 336 2.37 6.23 3.45
CA GLN A 336 2.54 6.55 2.05
C GLN A 336 2.64 5.28 1.10
N MET A 337 2.46 4.08 1.65
CA MET A 337 2.43 2.85 0.86
C MET A 337 1.36 2.88 -0.18
N SER A 338 0.18 3.36 0.21
CA SER A 338 -0.97 3.45 -0.68
C SER A 338 -0.64 4.26 -1.90
N ALA A 339 -0.02 5.42 -1.68
CA ALA A 339 0.34 6.28 -2.79
C ALA A 339 1.37 5.65 -3.62
N PHE A 340 2.33 4.99 -2.98
CA PHE A 340 3.41 4.35 -3.69
C PHE A 340 2.80 3.27 -4.63
N TRP A 341 1.89 2.45 -4.13
CA TRP A 341 1.31 1.40 -4.97
C TRP A 341 0.49 1.99 -6.09
N TYR A 342 -0.19 3.08 -5.82
CA TYR A 342 -1.04 3.64 -6.87
C TYR A 342 -0.17 4.21 -8.02
N ALA A 343 0.96 4.77 -7.68
CA ALA A 343 1.83 5.37 -8.72
C ALA A 343 2.51 4.29 -9.56
N VAL A 344 3.03 3.28 -8.89
CA VAL A 344 3.69 2.18 -9.58
C VAL A 344 2.71 1.37 -10.45
N ARG A 345 1.49 1.15 -9.97
CA ARG A 345 0.45 0.46 -10.77
C ARG A 345 0.24 1.16 -12.11
N THR A 346 0.02 2.48 -12.03
CA THR A 346 -0.09 3.35 -13.16
C THR A 346 1.15 3.32 -14.06
N ALA A 347 2.35 3.40 -13.48
CA ALA A 347 3.56 3.30 -14.25
C ALA A 347 3.61 2.03 -15.08
N VAL A 348 3.38 0.90 -14.42
CA VAL A 348 3.49 -0.40 -15.08
C VAL A 348 2.45 -0.54 -16.22
N ILE A 349 1.22 -0.20 -15.93
CA ILE A 349 0.18 -0.29 -16.95
C ILE A 349 0.49 0.62 -18.19
N ASN A 350 0.86 1.88 -17.97
CA ASN A 350 1.17 2.79 -19.06
C ASN A 350 2.43 2.36 -19.81
N ALA A 351 3.46 1.88 -19.12
CA ALA A 351 4.60 1.36 -19.83
C ALA A 351 4.25 0.12 -20.70
N ALA A 352 3.49 -0.80 -20.13
CA ALA A 352 3.21 -2.06 -20.83
C ALA A 352 2.31 -1.81 -22.07
N SER A 353 1.42 -0.82 -21.97
CA SER A 353 0.47 -0.52 -23.00
C SER A 353 1.11 0.36 -24.05
N GLY A 354 2.29 0.93 -23.81
CA GLY A 354 2.89 1.92 -24.68
C GLY A 354 2.32 3.34 -24.56
N ARG A 355 1.40 3.59 -23.64
CA ARG A 355 0.96 4.97 -23.32
C ARG A 355 2.09 5.90 -22.91
N GLN A 356 3.09 5.41 -22.23
CA GLN A 356 4.24 6.21 -21.90
C GLN A 356 5.42 5.33 -22.09
N THR A 357 6.59 5.94 -22.19
CA THR A 357 7.81 5.19 -22.27
C THR A 357 8.15 4.77 -20.89
N VAL A 358 9.13 3.89 -20.79
CA VAL A 358 9.61 3.51 -19.47
C VAL A 358 10.08 4.73 -18.61
N ASP A 359 10.89 5.59 -19.21
CA ASP A 359 11.40 6.78 -18.52
C ASP A 359 10.30 7.71 -18.06
N GLU A 360 9.35 8.03 -18.95
CA GLU A 360 8.20 8.86 -18.58
C GLU A 360 7.41 8.22 -17.42
N ALA A 361 7.20 6.91 -17.51
CA ALA A 361 6.33 6.20 -16.57
C ALA A 361 6.89 6.24 -15.18
N LEU A 362 8.15 5.86 -15.05
CA LEU A 362 8.76 5.76 -13.76
C LEU A 362 9.07 7.14 -13.17
N LYS A 363 9.34 8.14 -14.03
CA LYS A 363 9.46 9.55 -13.58
C LYS A 363 8.18 9.96 -12.84
N ASP A 364 7.02 9.77 -13.47
CA ASP A 364 5.75 10.08 -12.84
C ASP A 364 5.52 9.28 -11.59
N ALA A 365 5.95 8.04 -11.57
CA ALA A 365 5.72 7.25 -10.39
C ALA A 365 6.57 7.79 -9.23
N GLN A 366 7.80 8.19 -9.54
CA GLN A 366 8.69 8.71 -8.52
C GLN A 366 8.05 10.01 -7.94
N THR A 367 7.53 10.86 -8.80
CA THR A 367 6.82 12.07 -8.41
C THR A 367 5.68 11.78 -7.52
N GLY A 368 4.88 10.80 -7.92
CA GLY A 368 3.67 10.38 -7.14
C GLY A 368 4.07 9.81 -5.80
N SER A 369 5.11 8.99 -5.76
CA SER A 369 5.53 8.40 -4.50
C SER A 369 6.16 9.44 -3.51
N GLU A 370 6.71 10.54 -4.02
CA GLU A 370 7.41 11.53 -3.17
C GLU A 370 6.51 12.72 -2.83
N LEU A 371 5.29 12.70 -3.35
CA LEU A 371 4.53 13.88 -3.39
C LEU A 371 4.15 14.38 -1.99
N TYR A 372 3.73 13.47 -1.13
CA TYR A 372 3.25 13.85 0.18
C TYR A 372 4.37 14.50 0.96
N ARG A 373 5.48 13.81 1.01
CA ARG A 373 6.59 14.23 1.77
C ARG A 373 7.19 15.54 1.27
N GLN A 374 7.28 15.68 -0.04
CA GLN A 374 7.77 16.89 -0.61
C GLN A 374 6.85 18.07 -0.32
N SER A 375 5.55 17.85 -0.43
CA SER A 375 4.59 18.84 -0.13
C SER A 375 4.64 19.25 1.32
N LEU A 376 4.69 18.28 2.18
CA LEU A 376 4.73 18.60 3.62
C LEU A 376 5.92 19.46 3.95
N GLU A 377 7.09 19.09 3.46
CA GLU A 377 8.28 19.87 3.67
C GLU A 377 8.15 21.35 3.30
N ILE A 378 7.55 21.60 2.15
CA ILE A 378 7.40 22.92 1.63
C ILE A 378 6.40 23.66 2.56
N ILE A 379 5.25 23.06 2.76
CA ILE A 379 4.16 23.70 3.50
C ILE A 379 4.51 23.91 4.97
N SER A 380 5.14 22.93 5.56
CA SER A 380 5.52 23.06 6.93
C SER A 380 6.57 24.16 7.08
N ARG A 381 7.57 24.17 6.21
CA ARG A 381 8.56 25.24 6.26
C ARG A 381 7.97 26.60 6.10
N TYR A 382 7.07 26.78 5.14
CA TYR A 382 6.52 28.06 4.95
C TYR A 382 5.67 28.55 6.19
N LEU A 383 4.80 27.67 6.72
CA LEU A 383 4.00 28.02 7.90
C LEU A 383 4.83 28.36 9.09
N ARG A 384 5.88 27.57 9.36
CA ARG A 384 6.75 27.81 10.51
C ARG A 384 7.55 29.10 10.37
N GLU A 385 8.12 29.36 9.21
CA GLU A 385 8.89 30.56 9.07
C GLU A 385 8.01 31.80 9.11
N GLN A 386 6.79 31.69 8.59
CA GLN A 386 5.87 32.79 8.64
C GLN A 386 5.48 33.09 10.09
N ALA A 387 5.20 32.05 10.84
CA ALA A 387 4.81 32.20 12.24
C ALA A 387 5.90 32.70 13.12
N THR A 388 7.13 32.23 12.92
CA THR A 388 8.24 32.63 13.80
C THR A 388 9.06 33.84 13.31
N GLY A 389 9.05 34.11 12.02
CA GLY A 389 9.89 35.19 11.40
C GLY A 389 11.30 34.73 11.00
N ALA A 390 11.63 33.45 11.18
CA ALA A 390 12.91 32.96 10.85
C ALA A 390 12.82 31.60 10.12
N ALA A 391 13.70 31.39 9.17
CA ALA A 391 13.67 30.18 8.35
C ALA A 391 14.31 29.01 9.07
N ASP A 392 13.95 27.81 8.64
CA ASP A 392 14.47 26.58 9.18
C ASP A 392 15.86 26.44 8.62
N THR A 393 16.82 26.18 9.48
CA THR A 393 18.20 26.09 9.02
C THR A 393 18.62 24.69 8.45
N ALA A 394 17.82 23.65 8.66
CA ALA A 394 18.18 22.31 8.19
C ALA A 394 18.15 22.25 6.65
N PRO A 395 19.06 21.49 6.02
CA PRO A 395 19.05 21.47 4.58
C PRO A 395 17.86 20.65 4.03
N MET A 396 17.50 20.98 2.80
CA MET A 396 16.43 20.27 2.10
C MET A 396 16.99 18.95 1.59
N SER A 399 14.71 16.55 -5.01
CA SER A 399 14.17 17.03 -3.75
C SER A 399 14.62 18.46 -3.43
N GLY A 400 15.91 18.69 -3.28
CA GLY A 400 16.42 19.86 -2.57
C GLY A 400 16.28 21.12 -3.37
N ALA A 401 16.64 21.00 -4.65
CA ALA A 401 16.51 22.15 -5.54
C ALA A 401 15.06 22.54 -5.76
N THR A 402 14.21 21.55 -6.02
CA THR A 402 12.81 21.79 -6.27
C THR A 402 12.15 22.43 -5.01
N SER A 403 12.47 21.89 -3.83
CA SER A 403 11.89 22.31 -2.60
C SER A 403 12.31 23.70 -2.29
N ARG A 404 13.61 23.97 -2.42
CA ARG A 404 14.10 25.29 -2.18
C ARG A 404 13.42 26.31 -3.09
N LYS A 405 13.20 25.96 -4.36
CA LYS A 405 12.69 26.94 -5.32
C LYS A 405 11.19 27.07 -5.18
N ALA A 406 10.52 25.97 -4.84
CA ALA A 406 9.10 26.06 -4.57
C ALA A 406 8.83 26.98 -3.34
N LEU A 407 9.66 26.85 -2.29
CA LEU A 407 9.56 27.66 -1.10
C LEU A 407 9.79 29.12 -1.43
N GLU A 408 10.80 29.39 -2.28
CA GLU A 408 11.07 30.77 -2.74
C GLU A 408 9.91 31.38 -3.51
N THR A 409 9.32 30.58 -4.38
CA THR A 409 8.10 30.99 -5.09
C THR A 409 6.95 31.24 -4.18
N LEU A 410 6.75 30.32 -3.23
CA LEU A 410 5.62 30.48 -2.32
C LEU A 410 5.85 31.72 -1.46
N ARG A 411 7.10 32.03 -1.07
CA ARG A 411 7.34 33.27 -0.32
C ARG A 411 6.84 34.52 -1.07
N ARG A 412 7.07 34.61 -2.36
CA ARG A 412 6.50 35.74 -3.18
C ARG A 412 4.96 35.73 -3.23
N VAL A 413 4.42 34.64 -3.75
CA VAL A 413 3.03 34.66 -4.12
C VAL A 413 2.18 34.54 -2.84
N GLY A 414 2.68 33.78 -1.87
CA GLY A 414 1.97 33.54 -0.60
C GLY A 414 1.83 34.84 0.24
N ASP A 415 2.86 35.66 0.20
CA ASP A 415 2.89 36.92 0.96
C ASP A 415 1.95 37.91 0.31
N GLY A 416 1.90 37.90 -1.02
CA GLY A 416 0.90 38.69 -1.78
C GLY A 416 -0.52 38.38 -1.35
N VAL A 417 -0.85 37.08 -1.37
CA VAL A 417 -2.16 36.68 -1.04
C VAL A 417 -2.47 37.09 0.40
N GLN A 418 -1.55 36.91 1.35
CA GLN A 418 -1.89 37.26 2.76
C GLN A 418 -2.14 38.74 2.85
N ARG A 419 -1.34 39.52 2.12
CA ARG A 419 -1.42 40.96 2.22
C ARG A 419 -2.75 41.48 1.57
N ASN A 420 -3.04 41.11 0.34
CA ASN A 420 -4.23 41.61 -0.32
C ASN A 420 -5.51 41.04 0.30
N HIS A 421 -5.45 39.84 0.90
CA HIS A 421 -6.63 39.21 1.45
C HIS A 421 -6.70 39.18 2.94
N GLU A 422 -5.98 40.06 3.55
CA GLU A 422 -5.94 40.18 4.98
C GLU A 422 -7.28 40.29 5.63
N THR A 423 -8.20 41.07 5.06
CA THR A 423 -9.43 41.32 5.80
C THR A 423 -10.31 40.07 5.71
N ALA A 424 -10.37 39.41 4.57
CA ALA A 424 -11.16 38.18 4.53
C ALA A 424 -10.54 37.12 5.43
N PHE A 425 -9.21 37.08 5.46
CA PHE A 425 -8.48 36.10 6.27
C PHE A 425 -8.76 36.29 7.74
N GLN A 426 -8.55 37.51 8.21
CA GLN A 426 -8.77 37.91 9.55
C GLN A 426 -10.22 37.63 9.94
N GLY A 427 -11.15 37.97 9.04
CA GLY A 427 -12.55 37.75 9.30
C GLY A 427 -12.90 36.29 9.45
N MET A 428 -12.27 35.46 8.66
CA MET A 428 -12.57 34.06 8.66
C MET A 428 -11.83 33.42 9.82
N LEU A 429 -10.72 34.00 10.24
CA LEU A 429 -10.03 33.47 11.40
C LEU A 429 -10.70 33.96 12.70
N ARG A 430 -11.41 35.07 12.65
CA ARG A 430 -12.08 35.55 13.85
C ARG A 430 -13.38 34.80 14.05
N LYS A 431 -14.00 34.39 12.93
CA LYS A 431 -15.20 33.57 12.98
C LYS A 431 -14.87 32.32 13.71
N LEU A 432 -13.86 31.61 13.23
CA LEU A 432 -13.52 30.32 13.83
C LEU A 432 -12.87 30.63 15.16
N ASP A 433 -13.04 29.81 16.17
CA ASP A 433 -12.52 30.24 17.45
C ASP A 433 -11.27 29.47 17.81
N ILE A 434 -10.35 29.49 16.85
CA ILE A 434 -9.12 28.72 16.92
C ILE A 434 -8.36 29.10 18.18
N LYS A 435 -8.05 28.12 19.02
CA LYS A 435 -7.30 28.39 20.24
C LYS A 435 -6.55 27.19 20.77
N ASN A 436 -6.69 26.03 20.13
CA ASN A 436 -6.02 24.84 20.58
C ASN A 436 -6.03 23.82 19.49
N GLU A 437 -5.35 22.70 19.74
CA GLU A 437 -5.30 21.62 18.74
C GLU A 437 -6.70 21.08 18.30
N ASP A 438 -7.69 21.11 19.20
CA ASP A 438 -9.04 20.66 18.83
C ASP A 438 -9.67 21.46 17.70
N ASP A 439 -9.52 22.77 17.69
CA ASP A 439 -10.09 23.54 16.58
C ASP A 439 -9.40 23.31 15.26
N VAL A 440 -8.08 23.19 15.31
CA VAL A 440 -7.30 22.94 14.11
C VAL A 440 -7.78 21.64 13.58
N LYS A 441 -8.06 20.71 14.52
CA LYS A 441 -8.66 19.45 14.18
C LYS A 441 -9.90 19.75 13.34
N SER A 442 -10.74 20.67 13.79
CA SER A 442 -11.98 20.93 13.05
C SER A 442 -11.80 21.80 11.79
N LEU A 443 -10.56 22.06 11.35
CA LEU A 443 -10.29 22.93 10.17
C LEU A 443 -10.20 22.15 8.88
N SER A 444 -9.50 21.01 8.90
CA SER A 444 -9.39 20.14 7.73
C SER A 444 -10.76 19.91 7.11
N ARG A 445 -11.73 19.68 8.00
CA ARG A 445 -13.10 19.44 7.63
C ARG A 445 -13.56 20.57 6.73
N VAL A 446 -13.41 21.77 7.26
CA VAL A 446 -13.82 22.96 6.54
C VAL A 446 -13.06 23.00 5.23
N MET A 447 -11.73 22.91 5.32
CA MET A 447 -10.88 23.03 4.15
C MET A 447 -11.22 21.97 3.10
N ILE A 448 -11.47 20.73 3.54
CA ILE A 448 -11.87 19.68 2.61
C ILE A 448 -13.10 20.08 1.77
N HIS A 449 -14.09 20.71 2.38
CA HIS A 449 -15.32 21.08 1.67
C HIS A 449 -15.13 22.32 0.83
N VAL A 450 -14.11 23.10 1.15
CA VAL A 450 -13.89 24.37 0.50
C VAL A 450 -12.93 24.14 -0.62
N PHE A 451 -11.82 23.50 -0.30
CA PHE A 451 -10.74 23.37 -1.25
C PHE A 451 -11.19 22.50 -2.40
N SER A 452 -11.67 21.30 -2.09
CA SER A 452 -12.14 20.41 -3.13
C SER A 452 -13.22 21.06 -4.00
N ASP A 453 -14.34 21.41 -3.39
CA ASP A 453 -15.47 21.97 -4.13
C ASP A 453 -15.04 23.24 -4.85
N GLY A 454 -14.71 23.11 -6.12
CA GLY A 454 -14.24 24.26 -6.91
C GLY A 454 -13.21 23.85 -7.92
N VAL A 455 -12.59 24.85 -8.53
CA VAL A 455 -11.59 24.61 -9.57
C VAL A 455 -10.29 24.14 -8.91
N THR A 456 -9.48 23.42 -9.66
CA THR A 456 -8.19 23.01 -9.21
C THR A 456 -7.27 23.87 -10.03
N ASN A 457 -6.48 24.72 -9.39
CA ASN A 457 -5.44 25.51 -10.08
C ASN A 457 -4.41 25.94 -9.01
N TRP A 458 -3.33 26.55 -9.43
CA TRP A 458 -2.26 26.83 -8.50
C TRP A 458 -2.66 27.97 -7.54
N GLY A 459 -3.48 28.92 -8.00
CA GLY A 459 -3.94 30.04 -7.18
C GLY A 459 -4.76 29.56 -6.02
N ARG A 460 -5.65 28.62 -6.23
CA ARG A 460 -6.45 28.10 -5.14
C ARG A 460 -5.56 27.32 -4.17
N ILE A 461 -4.50 26.70 -4.67
CA ILE A 461 -3.55 25.99 -3.78
C ILE A 461 -2.77 27.00 -2.89
N VAL A 462 -2.28 28.06 -3.51
CA VAL A 462 -1.59 29.11 -2.82
C VAL A 462 -2.53 29.68 -1.76
N THR A 463 -3.79 29.88 -2.11
CA THR A 463 -4.75 30.32 -1.13
C THR A 463 -4.87 29.49 0.10
N LEU A 464 -5.09 28.19 -0.06
CA LEU A 464 -5.10 27.26 1.05
C LEU A 464 -3.85 27.36 1.96
N ILE A 465 -2.69 27.44 1.33
CA ILE A 465 -1.39 27.38 2.06
C ILE A 465 -1.18 28.75 2.73
N SER A 466 -1.49 29.83 2.05
CA SER A 466 -1.38 31.19 2.56
C SER A 466 -2.34 31.45 3.76
N PHE A 467 -3.47 30.79 3.76
CA PHE A 467 -4.40 30.90 4.90
C PHE A 467 -3.84 30.09 6.01
N GLY A 468 -3.27 28.96 5.66
CA GLY A 468 -2.52 28.16 6.58
C GLY A 468 -1.48 28.95 7.35
N ALA A 469 -0.72 29.74 6.59
CA ALA A 469 0.32 30.55 7.19
C ALA A 469 -0.30 31.62 8.16
N PHE A 470 -1.38 32.23 7.70
CA PHE A 470 -2.12 33.25 8.46
C PHE A 470 -2.56 32.67 9.79
N VAL A 471 -3.03 31.44 9.77
CA VAL A 471 -3.39 30.71 10.98
C VAL A 471 -2.21 30.39 11.83
N ALA A 472 -1.12 29.97 11.20
CA ALA A 472 0.05 29.67 11.96
C ALA A 472 0.54 30.91 12.70
N LYS A 473 0.48 32.07 12.06
CA LYS A 473 0.93 33.30 12.73
C LYS A 473 0.11 33.54 14.03
N HIS A 474 -1.18 33.37 13.91
CA HIS A 474 -2.07 33.47 15.03
C HIS A 474 -1.73 32.47 16.07
N LEU A 475 -1.54 31.22 15.67
CA LEU A 475 -1.21 30.17 16.63
C LEU A 475 0.00 30.48 17.43
N LYS A 476 1.01 31.05 16.80
CA LYS A 476 2.25 31.36 17.50
C LYS A 476 1.98 32.46 18.56
N THR A 477 1.16 33.43 18.26
CA THR A 477 0.99 34.56 19.18
C THR A 477 0.21 34.16 20.43
N ILE A 478 -0.61 33.13 20.34
CA ILE A 478 -1.37 32.66 21.49
C ILE A 478 -0.73 31.42 22.08
N ASN A 479 0.61 31.31 21.92
CA ASN A 479 1.38 30.23 22.52
C ASN A 479 0.85 28.82 22.17
N GLN A 480 0.26 28.66 20.98
CA GLN A 480 -0.15 27.33 20.46
C GLN A 480 0.77 26.87 19.29
N GLU A 481 2.04 27.12 19.43
CA GLU A 481 3.01 26.80 18.38
C GLU A 481 3.07 25.29 18.05
N SER A 482 2.76 24.46 19.03
CA SER A 482 2.66 23.01 18.87
C SER A 482 1.62 22.59 17.86
N CYS A 483 0.65 23.45 17.59
CA CYS A 483 -0.42 23.12 16.63
C CYS A 483 -0.04 23.38 15.17
N ILE A 484 1.14 23.95 14.94
CA ILE A 484 1.43 24.39 13.54
C ILE A 484 1.71 23.16 12.70
N GLU A 485 2.54 22.27 13.17
CA GLU A 485 2.91 21.10 12.34
C GLU A 485 1.68 20.23 12.00
N PRO A 486 0.76 20.02 12.96
CA PRO A 486 -0.51 19.39 12.66
C PRO A 486 -1.32 20.11 11.65
N LEU A 487 -1.34 21.46 11.72
CA LEU A 487 -1.99 22.27 10.66
C LEU A 487 -1.36 22.00 9.23
N ALA A 488 -0.04 21.87 9.18
CA ALA A 488 0.72 21.70 7.92
C ALA A 488 0.42 20.31 7.40
N GLU A 489 0.39 19.31 8.28
CA GLU A 489 0.00 17.96 7.88
C GLU A 489 -1.39 17.88 7.37
N SER A 490 -2.30 18.64 7.97
CA SER A 490 -3.67 18.63 7.49
C SER A 490 -3.84 19.21 6.11
N ILE A 491 -3.31 20.42 5.92
CA ILE A 491 -3.31 21.08 4.65
C ILE A 491 -2.62 20.16 3.59
N THR A 492 -1.48 19.58 3.91
CA THR A 492 -0.78 18.74 2.97
C THR A 492 -1.66 17.53 2.56
N ASP A 493 -2.33 16.90 3.53
CA ASP A 493 -3.15 15.72 3.27
C ASP A 493 -4.30 16.07 2.34
N VAL A 494 -4.94 17.19 2.60
CA VAL A 494 -6.01 17.68 1.79
C VAL A 494 -5.57 17.89 0.36
N LEU A 495 -4.41 18.53 0.21
CA LEU A 495 -3.87 18.88 -1.08
C LEU A 495 -3.54 17.62 -1.86
N VAL A 496 -2.75 16.73 -1.30
CA VAL A 496 -2.23 15.62 -2.08
C VAL A 496 -3.24 14.47 -2.25
N ARG A 497 -4.18 14.28 -1.32
CA ARG A 497 -5.23 13.25 -1.48
C ARG A 497 -6.21 13.60 -2.58
N THR A 498 -6.72 14.83 -2.57
CA THR A 498 -7.75 15.21 -3.51
C THR A 498 -7.25 15.72 -4.85
N LYS A 499 -5.94 16.04 -4.96
CA LYS A 499 -5.42 16.63 -6.19
C LYS A 499 -4.23 15.90 -6.76
N ARG A 500 -4.00 14.69 -6.27
CA ARG A 500 -2.85 13.90 -6.67
C ARG A 500 -2.59 13.86 -8.17
N ASP A 501 -3.64 13.47 -8.91
CA ASP A 501 -3.54 13.26 -10.39
C ASP A 501 -3.22 14.52 -11.11
N TRP A 502 -3.96 15.57 -10.80
CA TRP A 502 -3.61 16.91 -11.31
C TRP A 502 -2.14 17.31 -10.97
N LEU A 503 -1.71 17.10 -9.73
CA LEU A 503 -0.36 17.49 -9.33
C LEU A 503 0.70 16.73 -10.08
N VAL A 504 0.48 15.42 -10.26
CA VAL A 504 1.45 14.62 -10.99
C VAL A 504 1.53 15.07 -12.47
N LYS A 505 0.39 15.38 -13.08
CA LYS A 505 0.30 15.99 -14.43
C LYS A 505 1.05 17.31 -14.54
N GLN A 506 1.13 18.10 -13.46
CA GLN A 506 1.82 19.37 -13.53
C GLN A 506 3.30 19.26 -13.27
N ARG A 507 3.84 18.04 -13.15
CA ARG A 507 5.23 17.78 -12.73
C ARG A 507 5.47 18.21 -11.26
N GLY A 508 4.42 18.13 -10.46
CA GLY A 508 4.50 18.42 -9.02
C GLY A 508 4.88 19.88 -8.78
N TRP A 509 5.82 20.04 -7.90
CA TRP A 509 6.16 21.35 -7.45
C TRP A 509 7.06 22.04 -8.53
N ASP A 510 7.68 21.28 -9.47
CA ASP A 510 8.45 21.93 -10.61
C ASP A 510 7.49 22.73 -11.46
N GLY A 511 6.31 22.18 -11.61
CA GLY A 511 5.23 22.89 -12.24
C GLY A 511 4.83 24.18 -11.57
N PHE A 512 4.75 24.13 -10.25
CA PHE A 512 4.36 25.31 -9.46
C PHE A 512 5.41 26.38 -9.69
N VAL A 513 6.66 25.98 -9.65
CA VAL A 513 7.76 26.91 -9.87
C VAL A 513 7.67 27.51 -11.28
N GLU A 514 7.40 26.66 -12.27
CA GLU A 514 7.20 27.09 -13.67
C GLU A 514 6.05 28.05 -13.85
N PHE A 515 4.90 27.70 -13.32
CA PHE A 515 3.74 28.51 -13.50
C PHE A 515 3.88 29.98 -13.00
N PHE A 516 4.55 30.19 -11.86
CA PHE A 516 4.65 31.55 -11.29
C PHE A 516 6.01 32.11 -11.63
N HIS A 517 6.74 31.51 -12.57
CA HIS A 517 8.10 31.97 -12.88
C HIS A 517 8.10 33.47 -13.21
N VAL A 518 9.10 34.18 -12.69
CA VAL A 518 9.28 35.63 -12.89
C VAL A 518 9.38 36.01 -14.37
#